data_1UAG
#
_entry.id   1UAG
#
_cell.length_a   65.428
_cell.length_b   65.428
_cell.length_c   134.438
_cell.angle_alpha   90.00
_cell.angle_beta   90.00
_cell.angle_gamma   90.00
#
_symmetry.space_group_name_H-M   'P 41'
#
loop_
_entity.id
_entity.type
_entity.pdbx_description
1 polymer 'UDP-N-ACETYLMURAMOYL-L-ALANINE/:D-GLUTAMATE LIGASE'
2 non-polymer 'SULFATE ION'
3 non-polymer "URIDINE-5'-DIPHOSPHATE-N-ACETYLMURAMOYL-L-ALANINE"
4 water water
#
_entity_poly.entity_id   1
_entity_poly.type   'polypeptide(L)'
_entity_poly.pdbx_seq_one_letter_code
;ADYQGKNVVIIGLGLTGLSCVDFFLARGVTPRVMDTRMTPPGLDKLPEAVERHTGSLNDEWLMAADLIVASPGIALAHPS
LSAAADAGIEIVGDIELFCREAQAPIVAITGSNGKSTVTTLVGEMAKAAGVNVGVGGNIGLPALMLLDDECELYVLELSS
FQLETTSSLQAVAATILNVTEDHMDRYPFGLQQYRAA(KCX)LRIYENAKVCVVNADDALTMPIRGADERCVSFGVNMGD
YHLNHQQGETWLRVKGEKVLNVKEMKLSGQHNYTNALAALALADAAGLPRASSLKALTTFTGLPHRFEVVLEHNGVRWIN
DSKATNVGSTEAALNGLHVDGTLHLLLGGDGKSADFSPLARYLNGDNVRLYCFGRDGAQLAALRPEVAEQTETMEQAMRL
LAPRVQPGDMVLLSPACASLDQFKNFEQRGNEFARLAKELG
;
_entity_poly.pdbx_strand_id   A
#
loop_
_chem_comp.id
_chem_comp.type
_chem_comp.name
_chem_comp.formula
SO4 non-polymer 'SULFATE ION' 'O4 S -2'
#
# COMPACT_ATOMS: atom_id res chain seq x y z
N ALA A 1 6.49 -22.36 -14.95
CA ALA A 1 5.64 -22.55 -16.17
C ALA A 1 6.49 -22.27 -17.41
N ASP A 2 6.03 -22.74 -18.58
CA ASP A 2 6.77 -22.48 -19.82
C ASP A 2 5.98 -21.65 -20.85
N TYR A 3 6.62 -20.60 -21.34
CA TYR A 3 5.95 -19.58 -22.13
C TYR A 3 6.41 -19.58 -23.60
N GLN A 4 7.25 -20.55 -23.93
CA GLN A 4 7.98 -20.55 -25.17
C GLN A 4 6.99 -20.68 -26.31
N GLY A 5 7.14 -19.79 -27.30
CA GLY A 5 6.25 -19.80 -28.44
C GLY A 5 4.85 -19.25 -28.22
N LYS A 6 4.57 -18.66 -27.05
CA LYS A 6 3.24 -18.11 -26.78
C LYS A 6 3.19 -16.63 -27.14
N ASN A 7 2.03 -16.20 -27.63
CA ASN A 7 1.81 -14.81 -28.00
C ASN A 7 1.43 -14.05 -26.72
N VAL A 8 2.40 -13.35 -26.15
CA VAL A 8 2.24 -12.68 -24.86
C VAL A 8 2.08 -11.18 -25.03
N VAL A 9 0.99 -10.66 -24.46
CA VAL A 9 0.65 -9.24 -24.46
C VAL A 9 0.62 -8.77 -23.00
N ILE A 10 1.37 -7.70 -22.74
CA ILE A 10 1.43 -7.03 -21.46
C ILE A 10 0.65 -5.72 -21.54
N ILE A 11 -0.24 -5.50 -20.59
CA ILE A 11 -0.89 -4.21 -20.43
C ILE A 11 -0.24 -3.46 -19.27
N GLY A 12 0.28 -2.27 -19.58
CA GLY A 12 0.88 -1.44 -18.56
C GLY A 12 2.35 -1.20 -18.84
N LEU A 13 2.67 0.06 -19.09
CA LEU A 13 4.06 0.45 -19.24
C LEU A 13 4.51 1.26 -18.03
N GLY A 14 4.26 0.74 -16.83
CA GLY A 14 4.81 1.34 -15.65
C GLY A 14 5.94 0.46 -15.13
N LEU A 15 6.08 0.43 -13.81
CA LEU A 15 7.04 -0.44 -13.15
C LEU A 15 6.76 -1.92 -13.40
N THR A 16 5.50 -2.33 -13.21
CA THR A 16 5.12 -3.73 -13.38
C THR A 16 5.34 -4.18 -14.81
N GLY A 17 4.84 -3.38 -15.76
CA GLY A 17 4.95 -3.73 -17.16
C GLY A 17 6.37 -3.90 -17.63
N LEU A 18 7.28 -3.05 -17.16
CA LEU A 18 8.69 -3.21 -17.50
C LEU A 18 9.34 -4.43 -16.89
N SER A 19 8.99 -4.77 -15.66
CA SER A 19 9.55 -5.96 -15.06
C SER A 19 9.03 -7.20 -15.77
N CYS A 20 7.82 -7.17 -16.30
CA CYS A 20 7.28 -8.31 -17.07
C CYS A 20 7.94 -8.43 -18.44
N VAL A 21 8.21 -7.29 -19.08
CA VAL A 21 8.93 -7.29 -20.36
C VAL A 21 10.28 -7.98 -20.19
N ASP A 22 11.00 -7.64 -19.13
CA ASP A 22 12.28 -8.24 -18.90
C ASP A 22 12.15 -9.71 -18.55
N PHE A 23 11.14 -10.06 -17.77
CA PHE A 23 10.85 -11.44 -17.41
C PHE A 23 10.74 -12.29 -18.66
N PHE A 24 9.89 -11.88 -19.59
CA PHE A 24 9.65 -12.66 -20.77
C PHE A 24 10.86 -12.69 -21.68
N LEU A 25 11.52 -11.55 -21.83
CA LEU A 25 12.70 -11.50 -22.69
C LEU A 25 13.79 -12.47 -22.22
N ALA A 26 13.99 -12.54 -20.90
CA ALA A 26 14.98 -13.45 -20.34
C ALA A 26 14.60 -14.92 -20.56
N ARG A 27 13.35 -15.16 -20.93
CA ARG A 27 12.83 -16.52 -21.12
C ARG A 27 12.65 -16.85 -22.61
N GLY A 28 13.26 -16.03 -23.46
CA GLY A 28 13.19 -16.27 -24.89
C GLY A 28 11.85 -15.95 -25.51
N VAL A 29 11.10 -15.02 -24.89
CA VAL A 29 9.79 -14.61 -25.40
C VAL A 29 9.74 -13.09 -25.55
N THR A 30 9.44 -12.62 -26.75
CA THR A 30 9.26 -11.21 -26.98
C THR A 30 7.77 -10.88 -26.88
N PRO A 31 7.38 -10.13 -25.83
CA PRO A 31 5.98 -9.79 -25.67
C PRO A 31 5.69 -8.50 -26.43
N ARG A 32 4.41 -8.19 -26.61
CA ARG A 32 4.03 -6.87 -27.03
C ARG A 32 3.40 -6.18 -25.83
N VAL A 33 3.51 -4.84 -25.76
CA VAL A 33 3.08 -4.11 -24.58
C VAL A 33 2.21 -2.93 -24.96
N MET A 34 1.10 -2.74 -24.27
CA MET A 34 0.20 -1.63 -24.55
C MET A 34 -0.12 -0.90 -23.26
N ASP A 35 -0.64 0.31 -23.39
CA ASP A 35 -1.01 1.13 -22.23
C ASP A 35 -1.98 2.17 -22.75
N THR A 36 -3.02 2.47 -21.97
CA THR A 36 -4.01 3.44 -22.42
C THR A 36 -3.50 4.88 -22.28
N ARG A 37 -2.46 5.09 -21.48
CA ARG A 37 -1.81 6.41 -21.38
C ARG A 37 -1.04 6.65 -22.65
N MET A 38 -1.24 7.84 -23.21
CA MET A 38 -0.57 8.30 -24.43
C MET A 38 0.97 8.27 -24.30
N THR A 39 1.49 8.77 -23.18
CA THR A 39 2.93 8.70 -22.92
C THR A 39 3.19 8.13 -21.52
N PRO A 40 3.13 6.80 -21.40
CA PRO A 40 3.29 6.24 -20.05
C PRO A 40 4.74 6.36 -19.62
N PRO A 41 4.98 6.26 -18.31
CA PRO A 41 6.29 6.54 -17.71
C PRO A 41 7.41 5.58 -18.16
N GLY A 42 7.06 4.33 -18.40
CA GLY A 42 8.07 3.35 -18.77
C GLY A 42 8.39 3.34 -20.25
N LEU A 43 7.80 4.26 -21.02
CA LEU A 43 7.99 4.30 -22.46
C LEU A 43 9.46 4.49 -22.78
N ASP A 44 10.10 5.35 -22.00
CA ASP A 44 11.51 5.67 -22.22
C ASP A 44 12.44 4.49 -22.05
N LYS A 45 12.07 3.56 -21.17
CA LYS A 45 12.97 2.50 -20.76
C LYS A 45 12.70 1.17 -21.46
N LEU A 46 11.71 1.16 -22.35
CA LEU A 46 11.30 -0.06 -23.06
C LEU A 46 12.36 -0.41 -24.09
N PRO A 47 12.88 -1.67 -24.07
CA PRO A 47 13.83 -2.12 -25.10
C PRO A 47 13.28 -1.94 -26.52
N GLU A 48 14.14 -1.54 -27.45
CA GLU A 48 13.69 -1.01 -28.72
C GLU A 48 13.02 -2.06 -29.59
N ALA A 49 13.33 -3.33 -29.30
CA ALA A 49 12.82 -4.45 -30.08
C ALA A 49 11.40 -4.84 -29.69
N VAL A 50 10.93 -4.28 -28.58
CA VAL A 50 9.61 -4.63 -28.08
C VAL A 50 8.55 -3.72 -28.73
N GLU A 51 7.57 -4.31 -29.38
CA GLU A 51 6.48 -3.54 -29.98
C GLU A 51 5.65 -2.97 -28.85
N ARG A 52 5.16 -1.75 -29.03
CA ARG A 52 4.38 -1.08 -28.00
C ARG A 52 3.25 -0.29 -28.63
N HIS A 53 2.19 -0.10 -27.86
CA HIS A 53 0.97 0.52 -28.34
C HIS A 53 0.44 1.38 -27.19
N THR A 54 0.36 2.70 -27.39
CA THR A 54 -0.04 3.57 -26.30
C THR A 54 -1.23 4.40 -26.71
N GLY A 55 -1.92 4.96 -25.72
CA GLY A 55 -3.07 5.81 -25.99
C GLY A 55 -4.39 5.04 -26.01
N SER A 56 -4.32 3.73 -25.94
CA SER A 56 -5.51 2.88 -25.92
C SER A 56 -5.05 1.44 -25.73
N LEU A 57 -5.99 0.56 -25.46
CA LEU A 57 -5.71 -0.86 -25.55
C LEU A 57 -5.88 -1.27 -27.02
N ASN A 58 -5.08 -2.21 -27.48
CA ASN A 58 -5.19 -2.66 -28.85
C ASN A 58 -5.89 -4.00 -28.86
N ASP A 59 -7.14 -3.99 -29.32
CA ASP A 59 -7.95 -5.22 -29.38
C ASP A 59 -7.44 -6.27 -30.35
N GLU A 60 -6.78 -5.86 -31.43
CA GLU A 60 -6.20 -6.83 -32.36
C GLU A 60 -5.12 -7.62 -31.66
N TRP A 61 -4.33 -6.93 -30.83
CA TRP A 61 -3.32 -7.61 -30.03
C TRP A 61 -3.94 -8.46 -28.92
N LEU A 62 -4.93 -7.91 -28.24
CA LEU A 62 -5.59 -8.61 -27.13
C LEU A 62 -6.29 -9.90 -27.59
N MET A 63 -7.07 -9.79 -28.66
CA MET A 63 -7.79 -10.95 -29.15
C MET A 63 -6.89 -12.00 -29.82
N ALA A 64 -5.65 -11.63 -30.11
CA ALA A 64 -4.69 -12.53 -30.74
C ALA A 64 -3.81 -13.26 -29.72
N ALA A 65 -3.89 -12.81 -28.47
CA ALA A 65 -2.94 -13.21 -27.44
C ALA A 65 -3.25 -14.63 -26.98
N ASP A 66 -2.20 -15.38 -26.65
CA ASP A 66 -2.32 -16.60 -25.85
C ASP A 66 -2.37 -16.32 -24.34
N LEU A 67 -1.76 -15.21 -23.91
CA LEU A 67 -1.63 -14.86 -22.50
C LEU A 67 -1.59 -13.34 -22.43
N ILE A 68 -2.43 -12.77 -21.56
CA ILE A 68 -2.44 -11.34 -21.31
C ILE A 68 -1.92 -11.13 -19.89
N VAL A 69 -0.88 -10.33 -19.73
CA VAL A 69 -0.36 -10.02 -18.41
C VAL A 69 -0.79 -8.61 -18.10
N ALA A 70 -1.72 -8.46 -17.15
CA ALA A 70 -2.35 -7.18 -16.86
C ALA A 70 -1.69 -6.58 -15.63
N SER A 71 -1.10 -5.41 -15.78
CA SER A 71 -0.59 -4.66 -14.62
C SER A 71 -1.76 -4.32 -13.69
N PRO A 72 -1.49 -4.10 -12.39
CA PRO A 72 -2.58 -3.88 -11.45
C PRO A 72 -3.38 -2.62 -11.74
N GLY A 73 -2.78 -1.71 -12.51
CA GLY A 73 -3.40 -0.42 -12.79
C GLY A 73 -4.44 -0.43 -13.90
N ILE A 74 -4.68 -1.58 -14.54
CA ILE A 74 -5.77 -1.70 -15.51
C ILE A 74 -6.86 -2.59 -14.93
N ALA A 75 -8.12 -2.11 -14.99
CA ALA A 75 -9.24 -2.87 -14.44
C ALA A 75 -9.52 -4.07 -15.33
N LEU A 76 -9.72 -5.24 -14.73
CA LEU A 76 -10.15 -6.41 -15.50
C LEU A 76 -11.51 -6.17 -16.20
N ALA A 77 -12.31 -5.28 -15.63
CA ALA A 77 -13.61 -4.94 -16.20
C ALA A 77 -13.52 -4.02 -17.40
N HIS A 78 -12.30 -3.62 -17.78
CA HIS A 78 -12.16 -2.80 -18.98
C HIS A 78 -12.77 -3.61 -20.12
N PRO A 79 -13.67 -2.99 -20.90
CA PRO A 79 -14.42 -3.74 -21.89
C PRO A 79 -13.56 -4.52 -22.88
N SER A 80 -12.39 -3.98 -23.22
CA SER A 80 -11.45 -4.68 -24.09
C SER A 80 -10.90 -5.95 -23.45
N LEU A 81 -10.73 -5.87 -22.13
CA LEU A 81 -10.13 -6.94 -21.36
C LEU A 81 -11.18 -8.01 -20.97
N SER A 82 -12.41 -7.56 -20.71
CA SER A 82 -13.50 -8.50 -20.52
C SER A 82 -13.85 -9.25 -21.80
N ALA A 83 -13.73 -8.60 -22.95
CA ALA A 83 -13.91 -9.28 -24.23
C ALA A 83 -12.94 -10.45 -24.37
N ALA A 84 -11.66 -10.22 -24.09
CA ALA A 84 -10.65 -11.27 -24.16
C ALA A 84 -10.93 -12.40 -23.17
N ALA A 85 -11.29 -12.04 -21.93
CA ALA A 85 -11.69 -13.04 -20.93
C ALA A 85 -12.90 -13.83 -21.43
N ASP A 86 -13.85 -13.15 -22.07
CA ASP A 86 -15.00 -13.86 -22.62
C ASP A 86 -14.62 -14.81 -23.74
N ALA A 87 -13.54 -14.51 -24.46
CA ALA A 87 -13.03 -15.40 -25.49
C ALA A 87 -12.17 -16.53 -24.92
N GLY A 88 -12.05 -16.58 -23.60
CA GLY A 88 -11.26 -17.63 -22.97
C GLY A 88 -9.76 -17.37 -22.97
N ILE A 89 -9.36 -16.12 -23.17
CA ILE A 89 -7.94 -15.84 -23.22
C ILE A 89 -7.46 -15.60 -21.80
N GLU A 90 -6.43 -16.34 -21.42
CA GLU A 90 -5.91 -16.33 -20.05
C GLU A 90 -5.31 -14.97 -19.68
N ILE A 91 -5.66 -14.49 -18.48
CA ILE A 91 -5.22 -13.18 -18.01
C ILE A 91 -4.68 -13.36 -16.60
N VAL A 92 -3.40 -12.99 -16.45
CA VAL A 92 -2.69 -13.09 -15.19
C VAL A 92 -2.08 -11.69 -14.94
N GLY A 93 -1.58 -11.47 -13.73
CA GLY A 93 -0.71 -10.34 -13.49
C GLY A 93 0.69 -10.81 -13.11
N ASP A 94 1.53 -9.87 -12.68
CA ASP A 94 2.92 -10.19 -12.38
C ASP A 94 3.04 -11.06 -11.13
N ILE A 95 2.16 -10.87 -10.15
CA ILE A 95 2.22 -11.67 -8.91
C ILE A 95 1.91 -13.13 -9.21
N GLU A 96 1.05 -13.35 -10.20
CA GLU A 96 0.72 -14.70 -10.65
C GLU A 96 1.94 -15.34 -11.30
N LEU A 97 2.64 -14.57 -12.12
CA LEU A 97 3.83 -15.07 -12.81
C LEU A 97 4.91 -15.42 -11.79
N PHE A 98 5.01 -14.56 -10.77
CA PHE A 98 5.96 -14.73 -9.68
C PHE A 98 5.68 -16.02 -8.92
N CYS A 99 4.42 -16.25 -8.55
CA CYS A 99 4.03 -17.43 -7.78
C CYS A 99 4.34 -18.76 -8.49
N ARG A 100 4.27 -18.74 -9.82
CA ARG A 100 4.60 -19.90 -10.64
C ARG A 100 6.10 -20.22 -10.62
N GLU A 101 6.92 -19.18 -10.40
CA GLU A 101 8.37 -19.27 -10.46
C GLU A 101 9.03 -19.38 -9.10
N ALA A 102 8.42 -18.80 -8.07
CA ALA A 102 9.05 -18.72 -6.74
C ALA A 102 9.25 -20.11 -6.13
N GLN A 103 10.42 -20.33 -5.55
CA GLN A 103 10.78 -21.61 -4.95
C GLN A 103 11.18 -21.48 -3.48
N ALA A 104 10.53 -20.56 -2.75
CA ALA A 104 10.67 -20.42 -1.30
C ALA A 104 9.31 -20.01 -0.79
N PRO A 105 9.03 -20.20 0.51
CA PRO A 105 7.76 -19.77 1.13
C PRO A 105 7.47 -18.28 0.92
N ILE A 106 6.19 -17.94 0.83
CA ILE A 106 5.77 -16.56 0.62
C ILE A 106 4.89 -16.16 1.80
N VAL A 107 5.23 -15.03 2.43
CA VAL A 107 4.35 -14.37 3.40
C VAL A 107 3.69 -13.23 2.63
N ALA A 108 2.37 -13.23 2.63
CA ALA A 108 1.60 -12.31 1.80
C ALA A 108 0.74 -11.39 2.67
N ILE A 109 0.83 -10.08 2.42
CA ILE A 109 0.22 -9.08 3.29
C ILE A 109 -0.60 -8.06 2.48
N THR A 110 -1.87 -7.93 2.82
CA THR A 110 -2.68 -6.87 2.23
C THR A 110 -3.49 -6.22 3.32
N GLY A 111 -4.15 -5.12 2.99
CA GLY A 111 -4.90 -4.38 3.99
C GLY A 111 -5.05 -2.99 3.46
N SER A 112 -5.98 -2.22 4.02
CA SER A 112 -6.17 -0.85 3.59
C SER A 112 -5.09 0.09 4.16
N ASN A 113 -4.47 -0.32 5.27
CA ASN A 113 -3.48 0.51 5.94
C ASN A 113 -2.57 -0.43 6.72
N GLY A 114 -1.29 -0.11 6.86
CA GLY A 114 -0.39 -0.93 7.66
C GLY A 114 0.40 -1.93 6.84
N LYS A 115 0.04 -2.05 5.56
CA LYS A 115 0.62 -3.02 4.63
C LYS A 115 2.15 -2.97 4.53
N SER A 116 2.69 -1.81 4.21
CA SER A 116 4.12 -1.69 4.00
C SER A 116 4.88 -1.81 5.29
N THR A 117 4.31 -1.29 6.37
CA THR A 117 4.88 -1.43 7.71
C THR A 117 5.02 -2.91 8.14
N VAL A 118 3.94 -3.67 8.02
CA VAL A 118 3.98 -5.09 8.36
C VAL A 118 4.85 -5.90 7.38
N THR A 119 4.80 -5.57 6.09
CA THR A 119 5.67 -6.24 5.13
C THR A 119 7.15 -6.04 5.49
N THR A 120 7.55 -4.79 5.73
CA THR A 120 8.91 -4.46 6.10
C THR A 120 9.32 -5.11 7.40
N LEU A 121 8.43 -5.07 8.39
CA LEU A 121 8.71 -5.72 9.66
C LEU A 121 8.99 -7.21 9.52
N VAL A 122 8.16 -7.93 8.77
CA VAL A 122 8.44 -9.34 8.54
C VAL A 122 9.78 -9.52 7.82
N GLY A 123 10.09 -8.66 6.85
CA GLY A 123 11.40 -8.74 6.23
C GLY A 123 12.53 -8.56 7.23
N GLU A 124 12.37 -7.61 8.15
CA GLU A 124 13.40 -7.34 9.17
C GLU A 124 13.56 -8.51 10.14
N MET A 125 12.43 -9.13 10.47
CA MET A 125 12.44 -10.31 11.32
C MET A 125 13.19 -11.47 10.64
N ALA A 126 13.00 -11.62 9.33
CA ALA A 126 13.66 -12.68 8.57
C ALA A 126 15.16 -12.45 8.60
N LYS A 127 15.55 -11.22 8.27
CA LYS A 127 16.94 -10.79 8.29
C LYS A 127 17.59 -10.97 9.66
N ALA A 128 16.85 -10.64 10.73
CA ALA A 128 17.36 -10.84 12.09
C ALA A 128 17.64 -12.31 12.38
N ALA A 129 16.89 -13.21 11.73
CA ALA A 129 17.13 -14.62 11.85
C ALA A 129 18.24 -15.15 10.92
N GLY A 130 18.79 -14.29 10.07
CA GLY A 130 19.81 -14.71 9.11
C GLY A 130 19.24 -15.39 7.87
N VAL A 131 17.93 -15.18 7.63
CA VAL A 131 17.24 -15.75 6.47
C VAL A 131 17.41 -14.82 5.27
N ASN A 132 17.77 -15.39 4.13
CA ASN A 132 17.83 -14.68 2.85
C ASN A 132 16.40 -14.39 2.42
N VAL A 133 15.98 -13.14 2.52
CA VAL A 133 14.58 -12.78 2.33
C VAL A 133 14.47 -11.78 1.18
N GLY A 134 13.45 -11.97 0.33
CA GLY A 134 13.16 -11.01 -0.72
C GLY A 134 11.86 -10.29 -0.37
N VAL A 135 11.92 -8.97 -0.25
CA VAL A 135 10.75 -8.16 0.08
C VAL A 135 10.32 -7.25 -1.10
N GLY A 136 9.07 -7.36 -1.54
CA GLY A 136 8.64 -6.54 -2.67
C GLY A 136 7.13 -6.58 -2.89
N GLY A 137 6.71 -6.37 -4.12
CA GLY A 137 5.29 -6.34 -4.42
C GLY A 137 4.83 -4.91 -4.48
N ASN A 138 3.65 -4.64 -3.93
CA ASN A 138 3.02 -3.33 -4.03
C ASN A 138 3.83 -2.29 -3.25
N ILE A 139 4.66 -2.75 -2.32
CA ILE A 139 5.54 -1.86 -1.56
C ILE A 139 6.48 -1.05 -2.48
N GLY A 140 6.73 -1.58 -3.68
CA GLY A 140 7.36 -0.77 -4.71
C GLY A 140 8.35 -1.48 -5.60
N LEU A 141 8.90 -2.59 -5.13
CA LEU A 141 9.85 -3.39 -5.89
C LEU A 141 9.13 -4.56 -6.57
N PRO A 142 8.99 -4.51 -7.91
CA PRO A 142 8.20 -5.52 -8.62
C PRO A 142 8.65 -6.93 -8.23
N ALA A 143 7.68 -7.73 -7.80
CA ALA A 143 7.94 -9.08 -7.30
C ALA A 143 8.84 -9.95 -8.20
N LEU A 144 8.67 -9.85 -9.51
CA LEU A 144 9.46 -10.67 -10.41
C LEU A 144 10.96 -10.33 -10.26
N MET A 145 11.27 -9.13 -9.80
CA MET A 145 12.64 -8.72 -9.55
C MET A 145 13.23 -9.30 -8.27
N LEU A 146 12.40 -9.97 -7.48
CA LEU A 146 12.86 -10.65 -6.28
C LEU A 146 13.38 -12.04 -6.59
N LEU A 147 12.98 -12.62 -7.72
CA LEU A 147 13.21 -14.06 -7.94
C LEU A 147 14.68 -14.40 -7.89
N ASP A 148 15.05 -15.25 -6.96
CA ASP A 148 16.46 -15.52 -6.70
C ASP A 148 16.51 -16.90 -6.09
N ASP A 149 17.37 -17.76 -6.63
CA ASP A 149 17.43 -19.14 -6.17
C ASP A 149 18.02 -19.29 -4.78
N GLU A 150 18.73 -18.28 -4.31
CA GLU A 150 19.27 -18.33 -2.97
C GLU A 150 18.27 -17.83 -1.94
N CYS A 151 17.17 -17.27 -2.42
CA CYS A 151 16.19 -16.68 -1.53
C CYS A 151 15.44 -17.76 -0.77
N GLU A 152 15.26 -17.54 0.53
CA GLU A 152 14.70 -18.53 1.43
C GLU A 152 13.31 -18.16 1.90
N LEU A 153 12.92 -16.91 1.72
CA LEU A 153 11.57 -16.47 2.11
C LEU A 153 11.23 -15.24 1.29
N TYR A 154 10.01 -15.18 0.77
CA TYR A 154 9.56 -13.97 0.11
C TYR A 154 8.49 -13.31 0.96
N VAL A 155 8.60 -12.00 1.13
CA VAL A 155 7.55 -11.25 1.81
C VAL A 155 6.94 -10.28 0.81
N LEU A 156 5.67 -10.51 0.48
CA LEU A 156 4.96 -9.72 -0.51
C LEU A 156 3.88 -8.85 0.12
N GLU A 157 3.97 -7.55 -0.13
CA GLU A 157 2.82 -6.67 0.06
C GLU A 157 1.99 -6.76 -1.22
N LEU A 158 0.68 -7.01 -1.08
CA LEU A 158 -0.23 -7.21 -2.21
C LEU A 158 -1.43 -6.29 -2.13
N SER A 159 -1.79 -5.65 -3.24
CA SER A 159 -2.98 -4.83 -3.28
C SER A 159 -4.17 -5.70 -3.70
N SER A 160 -5.38 -5.19 -3.53
CA SER A 160 -6.55 -5.90 -4.03
C SER A 160 -6.44 -6.06 -5.56
N PHE A 161 -5.82 -5.10 -6.25
CA PHE A 161 -5.70 -5.14 -7.72
C PHE A 161 -4.86 -6.32 -8.14
N GLN A 162 -3.70 -6.48 -7.49
CA GLN A 162 -2.81 -7.61 -7.73
C GLN A 162 -3.43 -8.97 -7.43
N LEU A 163 -4.18 -9.04 -6.33
CA LEU A 163 -4.89 -10.25 -5.93
C LEU A 163 -5.97 -10.67 -6.92
N GLU A 164 -6.63 -9.71 -7.55
CA GLU A 164 -7.65 -10.02 -8.57
C GLU A 164 -7.12 -10.93 -9.67
N THR A 165 -5.85 -10.76 -10.02
CA THR A 165 -5.27 -11.46 -11.15
C THR A 165 -4.35 -12.60 -10.73
N THR A 166 -4.41 -12.96 -9.45
CA THR A 166 -3.54 -14.01 -8.93
C THR A 166 -4.36 -15.25 -8.57
N SER A 167 -3.89 -16.41 -9.01
CA SER A 167 -4.62 -17.66 -8.80
C SER A 167 -3.74 -18.78 -8.19
N SER A 168 -2.42 -18.59 -8.21
CA SER A 168 -1.49 -19.64 -7.78
C SER A 168 -0.82 -19.35 -6.45
N LEU A 169 -1.30 -18.34 -5.72
CA LEU A 169 -0.69 -17.98 -4.45
C LEU A 169 -1.11 -19.00 -3.38
N GLN A 170 -0.12 -19.66 -2.80
CA GLN A 170 -0.36 -20.49 -1.64
C GLN A 170 0.59 -20.03 -0.53
N ALA A 171 0.20 -18.96 0.16
CA ALA A 171 1.03 -18.33 1.16
C ALA A 171 1.32 -19.30 2.30
N VAL A 172 2.53 -19.27 2.87
CA VAL A 172 2.74 -19.94 4.16
C VAL A 172 1.99 -19.19 5.28
N ALA A 173 1.79 -17.89 5.09
CA ALA A 173 1.07 -17.09 6.05
C ALA A 173 0.53 -15.90 5.30
N ALA A 174 -0.75 -15.59 5.50
CA ALA A 174 -1.42 -14.53 4.77
C ALA A 174 -2.29 -13.73 5.73
N THR A 175 -2.30 -12.42 5.56
CA THR A 175 -3.15 -11.52 6.36
C THR A 175 -3.85 -10.46 5.50
N ILE A 176 -5.09 -10.16 5.85
CA ILE A 176 -5.68 -8.88 5.55
C ILE A 176 -5.70 -8.09 6.85
N LEU A 177 -4.95 -7.00 6.90
CA LEU A 177 -4.78 -6.23 8.14
C LEU A 177 -6.08 -5.53 8.55
N ASN A 178 -6.78 -5.01 7.56
CA ASN A 178 -7.99 -4.23 7.81
C ASN A 178 -8.60 -3.93 6.46
N VAL A 179 -9.91 -3.69 6.44
CA VAL A 179 -10.60 -3.32 5.22
C VAL A 179 -11.35 -2.01 5.46
N THR A 180 -10.93 -0.96 4.78
CA THR A 180 -11.62 0.31 4.83
C THR A 180 -11.70 0.86 3.41
N GLU A 181 -12.68 1.72 3.18
CA GLU A 181 -13.02 2.17 1.83
C GLU A 181 -11.82 2.71 1.10
N ASP A 182 -11.55 2.13 -0.07
CA ASP A 182 -10.48 2.62 -0.93
C ASP A 182 -10.72 2.08 -2.32
N HIS A 183 -10.22 2.81 -3.32
CA HIS A 183 -10.24 2.37 -4.73
C HIS A 183 -11.66 2.17 -5.25
N MET A 184 -12.59 2.98 -4.76
CA MET A 184 -13.99 2.82 -5.16
C MET A 184 -14.20 3.14 -6.63
N ASP A 185 -13.28 3.90 -7.21
CA ASP A 185 -13.25 4.10 -8.66
C ASP A 185 -12.97 2.82 -9.47
N ARG A 186 -12.46 1.78 -8.82
CA ARG A 186 -12.12 0.53 -9.48
C ARG A 186 -13.08 -0.59 -9.11
N TYR A 187 -13.98 -0.30 -8.17
CA TYR A 187 -14.90 -1.29 -7.64
C TYR A 187 -16.30 -0.76 -7.64
N PRO A 188 -17.01 -0.86 -8.78
CA PRO A 188 -18.36 -0.30 -8.88
C PRO A 188 -19.41 -1.11 -8.13
N PHE A 189 -19.00 -2.28 -7.64
CA PHE A 189 -19.82 -3.00 -6.66
C PHE A 189 -19.38 -2.72 -5.21
N GLY A 190 -18.62 -1.66 -5.01
CA GLY A 190 -18.41 -1.13 -3.68
C GLY A 190 -17.58 -1.98 -2.75
N LEU A 191 -17.80 -1.78 -1.45
CA LEU A 191 -16.87 -2.23 -0.42
C LEU A 191 -16.73 -3.74 -0.45
N GLN A 192 -17.83 -4.44 -0.67
CA GLN A 192 -17.77 -5.89 -0.68
C GLN A 192 -16.97 -6.43 -1.83
N GLN A 193 -16.98 -5.77 -2.98
CA GLN A 193 -16.19 -6.20 -4.13
C GLN A 193 -14.70 -6.03 -3.84
N TYR A 194 -14.37 -4.86 -3.31
CA TYR A 194 -13.03 -4.55 -2.84
C TYR A 194 -12.52 -5.61 -1.82
N ARG A 195 -13.36 -5.89 -0.83
CA ARG A 195 -13.10 -6.90 0.18
C ARG A 195 -12.91 -8.27 -0.43
N ALA A 196 -13.73 -8.58 -1.44
CA ALA A 196 -13.63 -9.86 -2.11
C ALA A 196 -12.30 -10.05 -2.80
N ALA A 197 -11.74 -8.98 -3.36
CA ALA A 197 -10.41 -9.07 -3.99
C ALA A 197 -9.37 -9.42 -2.93
N KCX A 198 -9.47 -8.75 -1.79
CA KCX A 198 -8.50 -8.94 -0.70
CB KCX A 198 -8.68 -7.86 0.39
CG KCX A 198 -8.38 -6.41 -0.02
CD KCX A 198 -8.17 -5.59 1.24
CE KCX A 198 -7.52 -4.23 1.04
NZ KCX A 198 -6.30 -4.25 0.24
C KCX A 198 -8.60 -10.34 -0.09
O KCX A 198 -7.58 -10.99 0.20
CX KCX A 198 -5.82 -3.21 -0.45
OQ1 KCX A 198 -4.80 -3.28 -1.17
OQ2 KCX A 198 -6.37 -2.09 -0.39
N LEU A 199 -9.82 -10.90 -0.06
CA LEU A 199 -10.03 -12.21 0.54
C LEU A 199 -9.38 -13.36 -0.26
N ARG A 200 -9.01 -13.08 -1.51
CA ARG A 200 -8.29 -14.05 -2.34
C ARG A 200 -6.96 -14.41 -1.72
N ILE A 201 -6.42 -13.54 -0.87
CA ILE A 201 -5.09 -13.78 -0.33
C ILE A 201 -5.08 -15.04 0.55
N TYR A 202 -6.24 -15.38 1.10
CA TYR A 202 -6.33 -16.51 2.03
C TYR A 202 -6.43 -17.86 1.34
N GLU A 203 -6.72 -17.86 0.05
CA GLU A 203 -6.92 -19.11 -0.69
C GLU A 203 -5.66 -19.93 -0.70
N ASN A 204 -5.77 -21.12 -0.12
CA ASN A 204 -4.66 -22.05 -0.07
C ASN A 204 -3.52 -21.59 0.80
N ALA A 205 -3.78 -20.64 1.69
CA ALA A 205 -2.75 -20.16 2.60
C ALA A 205 -2.66 -21.16 3.76
N LYS A 206 -1.43 -21.53 4.14
CA LYS A 206 -1.25 -22.46 5.24
C LYS A 206 -1.80 -21.89 6.56
N VAL A 207 -1.46 -20.65 6.86
CA VAL A 207 -1.95 -19.99 8.07
C VAL A 207 -2.57 -18.69 7.60
N CYS A 208 -3.81 -18.42 7.98
CA CYS A 208 -4.44 -17.12 7.74
C CYS A 208 -4.43 -16.36 9.05
N VAL A 209 -4.09 -15.08 8.98
CA VAL A 209 -3.97 -14.21 10.15
C VAL A 209 -4.94 -13.07 9.97
N VAL A 210 -5.93 -13.02 10.86
CA VAL A 210 -7.03 -12.08 10.71
C VAL A 210 -7.01 -11.03 11.83
N ASN A 211 -7.68 -9.91 11.59
CA ASN A 211 -7.83 -8.85 12.56
C ASN A 211 -9.12 -9.09 13.33
N ALA A 212 -8.99 -9.46 14.60
CA ALA A 212 -10.14 -9.82 15.44
C ALA A 212 -11.06 -8.61 15.66
N ASP A 213 -10.52 -7.41 15.49
CA ASP A 213 -11.31 -6.19 15.62
C ASP A 213 -11.90 -5.72 14.28
N ASP A 214 -11.56 -6.39 13.18
CA ASP A 214 -12.15 -6.08 11.87
C ASP A 214 -12.73 -7.33 11.24
N ALA A 215 -14.06 -7.44 11.30
CA ALA A 215 -14.77 -8.59 10.78
C ALA A 215 -14.57 -8.78 9.28
N LEU A 216 -14.31 -7.72 8.53
CA LEU A 216 -14.20 -7.87 7.07
C LEU A 216 -12.88 -8.51 6.64
N THR A 217 -11.95 -8.65 7.58
CA THR A 217 -10.68 -9.31 7.31
C THR A 217 -10.85 -10.83 7.40
N MET A 218 -11.98 -11.29 7.88
CA MET A 218 -12.17 -12.71 8.07
C MET A 218 -12.78 -13.39 6.86
N PRO A 219 -12.28 -14.59 6.53
CA PRO A 219 -12.90 -15.44 5.51
C PRO A 219 -14.40 -15.67 5.71
N ILE A 220 -15.13 -15.53 4.62
CA ILE A 220 -16.55 -15.84 4.58
C ILE A 220 -16.72 -17.36 4.66
N ARG A 226 -9.57 -22.60 11.78
CA ARG A 226 -9.80 -21.18 11.95
C ARG A 226 -8.50 -20.40 11.85
N CYS A 227 -8.61 -19.11 11.51
CA CYS A 227 -7.45 -18.21 11.46
C CYS A 227 -6.82 -17.83 12.83
N VAL A 228 -5.51 -17.65 12.82
CA VAL A 228 -4.80 -16.98 13.90
C VAL A 228 -5.26 -15.53 13.90
N SER A 229 -5.52 -14.96 15.09
CA SER A 229 -6.01 -13.59 15.14
C SER A 229 -5.04 -12.69 15.90
N PHE A 230 -5.11 -11.41 15.60
CA PHE A 230 -4.47 -10.37 16.41
C PHE A 230 -5.53 -9.31 16.65
N GLY A 231 -5.45 -8.64 17.79
CA GLY A 231 -6.37 -7.54 18.04
C GLY A 231 -5.87 -6.70 19.18
N VAL A 232 -6.67 -5.74 19.63
CA VAL A 232 -6.26 -4.91 20.75
C VAL A 232 -6.51 -5.62 22.09
N ASN A 233 -7.76 -6.00 22.32
CA ASN A 233 -8.13 -6.58 23.58
C ASN A 233 -8.38 -8.06 23.37
N MET A 234 -8.67 -8.43 22.13
CA MET A 234 -8.84 -9.84 21.83
C MET A 234 -7.91 -10.28 20.72
N GLY A 235 -7.72 -11.60 20.64
CA GLY A 235 -6.90 -12.20 19.60
C GLY A 235 -5.87 -13.17 20.18
N ASP A 236 -5.30 -14.01 19.34
CA ASP A 236 -4.20 -14.86 19.79
C ASP A 236 -3.01 -13.99 20.10
N TYR A 237 -2.93 -12.87 19.40
CA TYR A 237 -1.88 -11.89 19.56
C TYR A 237 -2.63 -10.61 19.92
N HIS A 238 -2.39 -10.05 21.10
CA HIS A 238 -3.17 -8.92 21.54
C HIS A 238 -2.33 -8.03 22.45
N LEU A 239 -2.88 -6.87 22.80
CA LEU A 239 -2.17 -5.93 23.65
C LEU A 239 -2.62 -6.05 25.11
N ASN A 240 -1.69 -5.80 26.03
CA ASN A 240 -1.98 -5.88 27.47
C ASN A 240 -1.98 -4.45 28.01
N GLU A 245 1.70 2.14 29.78
CA GLU A 245 2.62 1.11 29.33
C GLU A 245 1.84 0.02 28.59
N THR A 246 2.38 -0.44 27.48
CA THR A 246 1.69 -1.41 26.62
C THR A 246 2.57 -2.58 26.32
N TRP A 247 1.97 -3.76 26.35
CA TRP A 247 2.69 -4.98 26.10
C TRP A 247 2.06 -5.70 24.93
N LEU A 248 2.90 -6.19 24.04
CA LEU A 248 2.50 -7.24 23.11
C LEU A 248 2.44 -8.57 23.86
N ARG A 249 1.33 -9.28 23.68
CA ARG A 249 1.15 -10.60 24.29
C ARG A 249 0.78 -11.62 23.23
N VAL A 250 1.19 -12.85 23.47
CA VAL A 250 0.71 -13.95 22.64
C VAL A 250 0.08 -14.93 23.59
N LYS A 251 -1.25 -15.06 23.47
CA LYS A 251 -2.05 -15.96 24.31
C LYS A 251 -1.78 -15.75 25.80
N GLY A 252 -1.83 -14.48 26.21
CA GLY A 252 -1.76 -14.17 27.63
C GLY A 252 -0.36 -13.97 28.20
N GLU A 253 0.64 -14.42 27.47
CA GLU A 253 2.03 -14.28 27.88
C GLU A 253 2.65 -13.01 27.30
N LYS A 254 3.20 -12.15 28.16
CA LYS A 254 3.91 -10.93 27.71
C LYS A 254 5.15 -11.32 26.90
N VAL A 255 5.30 -10.72 25.73
CA VAL A 255 6.48 -10.98 24.91
C VAL A 255 7.30 -9.72 24.63
N LEU A 256 6.67 -8.54 24.73
CA LEU A 256 7.42 -7.30 24.49
C LEU A 256 6.73 -6.08 25.07
N ASN A 257 7.50 -5.29 25.83
CA ASN A 257 7.02 -4.01 26.32
C ASN A 257 7.30 -2.98 25.21
N VAL A 258 6.25 -2.33 24.69
CA VAL A 258 6.38 -1.53 23.48
C VAL A 258 7.27 -0.30 23.65
N LYS A 259 7.78 -0.08 24.86
CA LYS A 259 8.76 0.99 25.07
C LYS A 259 10.07 0.62 24.38
N GLU A 260 10.23 -0.66 24.08
CA GLU A 260 11.41 -1.12 23.34
C GLU A 260 11.31 -0.80 21.86
N MET A 261 10.09 -0.54 21.37
CA MET A 261 9.88 -0.30 19.95
C MET A 261 10.21 1.16 19.63
N LYS A 262 10.70 1.40 18.43
CA LYS A 262 10.86 2.76 17.94
C LYS A 262 9.52 3.31 17.39
N LEU A 263 8.70 2.43 16.82
CA LEU A 263 7.36 2.79 16.40
C LEU A 263 6.46 3.06 17.60
N SER A 264 5.48 3.94 17.40
CA SER A 264 4.52 4.28 18.45
C SER A 264 3.12 4.26 17.88
N GLY A 265 2.14 4.37 18.76
CA GLY A 265 0.76 4.40 18.34
C GLY A 265 0.18 3.00 18.33
N GLN A 266 -1.06 2.90 18.77
CA GLN A 266 -1.74 1.61 18.93
C GLN A 266 -1.84 0.86 17.62
N HIS A 267 -2.13 1.58 16.54
CA HIS A 267 -2.26 0.93 15.25
C HIS A 267 -0.93 0.32 14.82
N ASN A 268 0.18 0.90 15.29
CA ASN A 268 1.47 0.31 15.00
C ASN A 268 1.80 -0.87 15.92
N TYR A 269 1.18 -0.92 17.09
CA TYR A 269 1.35 -2.08 17.98
C TYR A 269 0.58 -3.26 17.46
N THR A 270 -0.62 -3.02 16.94
CA THR A 270 -1.30 -4.11 16.24
C THR A 270 -0.58 -4.52 14.93
N ASN A 271 0.06 -3.57 14.24
CA ASN A 271 0.92 -3.91 13.09
C ASN A 271 2.03 -4.86 13.53
N ALA A 272 2.67 -4.53 14.65
CA ALA A 272 3.71 -5.36 15.21
C ALA A 272 3.18 -6.75 15.57
N LEU A 273 1.99 -6.82 16.16
CA LEU A 273 1.33 -8.11 16.41
C LEU A 273 1.11 -8.94 15.14
N ALA A 274 0.60 -8.30 14.09
CA ALA A 274 0.34 -8.95 12.81
C ALA A 274 1.65 -9.47 12.24
N ALA A 275 2.69 -8.65 12.33
CA ALA A 275 3.98 -9.05 11.79
C ALA A 275 4.53 -10.23 12.57
N LEU A 276 4.35 -10.25 13.89
CA LEU A 276 4.87 -11.35 14.71
C LEU A 276 4.09 -12.62 14.45
N ALA A 277 2.79 -12.49 14.29
CA ALA A 277 1.94 -13.63 13.89
C ALA A 277 2.42 -14.28 12.58
N LEU A 278 2.65 -13.46 11.57
CA LEU A 278 3.11 -13.96 10.28
C LEU A 278 4.50 -14.60 10.42
N ALA A 279 5.42 -13.91 11.09
CA ALA A 279 6.78 -14.43 11.28
C ALA A 279 6.77 -15.76 12.02
N ASP A 280 5.93 -15.88 13.05
CA ASP A 280 5.81 -17.15 13.76
C ASP A 280 5.31 -18.26 12.83
N ALA A 281 4.27 -17.96 12.05
CA ALA A 281 3.73 -18.94 11.09
C ALA A 281 4.72 -19.35 10.00
N ALA A 282 5.54 -18.40 9.56
CA ALA A 282 6.55 -18.69 8.57
C ALA A 282 7.75 -19.41 9.21
N GLY A 283 7.68 -19.63 10.52
CA GLY A 283 8.67 -20.46 11.17
C GLY A 283 9.88 -19.70 11.69
N LEU A 284 9.83 -18.37 11.70
CA LEU A 284 10.99 -17.60 12.12
C LEU A 284 11.07 -17.66 13.63
N PRO A 285 12.28 -17.71 14.19
CA PRO A 285 12.43 -17.71 15.66
C PRO A 285 11.91 -16.43 16.30
N ARG A 286 11.10 -16.56 17.35
CA ARG A 286 10.42 -15.39 17.93
C ARG A 286 11.38 -14.39 18.56
N ALA A 287 12.49 -14.88 19.09
CA ALA A 287 13.45 -14.00 19.76
C ALA A 287 14.05 -12.97 18.81
N SER A 288 14.50 -13.42 17.64
CA SER A 288 15.05 -12.52 16.63
C SER A 288 13.96 -11.67 15.99
N SER A 289 12.76 -12.22 15.85
CA SER A 289 11.59 -11.46 15.44
C SER A 289 11.24 -10.28 16.38
N LEU A 290 11.33 -10.50 17.70
CA LEU A 290 11.11 -9.44 18.66
C LEU A 290 12.22 -8.40 18.57
N LYS A 291 13.43 -8.87 18.34
CA LYS A 291 14.60 -8.01 18.16
C LYS A 291 14.38 -6.99 17.04
N ALA A 292 13.90 -7.47 15.89
CA ALA A 292 13.65 -6.62 14.74
C ALA A 292 12.59 -5.58 15.04
N LEU A 293 11.60 -5.94 15.85
CA LEU A 293 10.58 -4.98 16.33
C LEU A 293 11.19 -3.80 17.08
N THR A 294 12.31 -4.01 17.76
CA THR A 294 12.91 -2.95 18.54
C THR A 294 13.84 -2.06 17.69
N THR A 295 14.24 -2.53 16.52
CA THR A 295 15.18 -1.79 15.69
C THR A 295 14.48 -0.93 14.61
N PHE A 296 13.32 -1.38 14.15
CA PHE A 296 12.68 -0.77 12.99
C PHE A 296 12.21 0.65 13.33
N THR A 297 12.67 1.61 12.56
CA THR A 297 12.38 3.02 12.82
C THR A 297 11.17 3.60 12.07
N GLY A 298 10.66 2.87 11.08
CA GLY A 298 9.54 3.36 10.29
C GLY A 298 9.90 3.54 8.82
N LEU A 299 8.94 4.02 8.04
CA LEU A 299 9.09 4.18 6.59
C LEU A 299 9.07 5.67 6.26
N PRO A 300 9.77 6.06 5.18
CA PRO A 300 9.55 7.41 4.65
C PRO A 300 8.10 7.66 4.22
N HIS A 301 7.63 8.89 4.45
CA HIS A 301 6.28 9.30 4.05
C HIS A 301 5.19 8.67 4.92
N ARG A 302 5.59 7.95 5.96
CA ARG A 302 4.62 7.36 6.86
C ARG A 302 4.78 8.02 8.22
N PHE A 303 3.89 8.98 8.49
CA PHE A 303 3.97 9.86 9.64
C PHE A 303 5.42 10.22 9.98
N GLU A 304 6.14 10.73 8.98
CA GLU A 304 7.55 11.02 9.08
C GLU A 304 7.81 12.47 9.46
N VAL A 305 8.44 12.71 10.61
CA VAL A 305 8.81 14.08 10.97
C VAL A 305 9.93 14.56 10.07
N VAL A 306 9.63 15.54 9.23
CA VAL A 306 10.65 16.03 8.32
C VAL A 306 11.33 17.32 8.79
N LEU A 307 10.76 17.97 9.81
CA LEU A 307 11.35 19.17 10.41
C LEU A 307 10.70 19.39 11.77
N GLU A 308 11.52 19.56 12.79
CA GLU A 308 11.00 20.03 14.06
C GLU A 308 11.81 21.25 14.44
N HIS A 309 11.19 22.42 14.40
CA HIS A 309 11.95 23.63 14.49
C HIS A 309 11.07 24.75 15.00
N ASN A 310 11.58 25.49 15.97
CA ASN A 310 10.83 26.59 16.58
C ASN A 310 9.57 26.10 17.25
N GLY A 311 9.64 24.90 17.82
CA GLY A 311 8.48 24.31 18.48
C GLY A 311 7.38 23.84 17.54
N VAL A 312 7.71 23.60 16.27
CA VAL A 312 6.75 23.07 15.32
C VAL A 312 7.26 21.81 14.65
N ARG A 313 6.43 20.77 14.64
CA ARG A 313 6.72 19.56 13.88
C ARG A 313 5.98 19.60 12.55
N TRP A 314 6.72 19.36 11.47
CA TRP A 314 6.16 19.20 10.14
C TRP A 314 6.25 17.70 9.82
N ILE A 315 5.09 17.10 9.58
CA ILE A 315 5.00 15.65 9.48
C ILE A 315 4.53 15.24 8.09
N ASN A 316 5.37 14.46 7.44
CA ASN A 316 5.10 13.90 6.14
C ASN A 316 4.42 12.55 6.30
N ASP A 317 3.09 12.55 6.16
CA ASP A 317 2.30 11.32 6.07
C ASP A 317 1.65 11.24 4.69
N SER A 318 2.47 11.50 3.66
CA SER A 318 2.03 11.45 2.29
C SER A 318 1.52 10.05 1.87
N LYS A 319 1.97 9.02 2.58
CA LYS A 319 1.54 7.64 2.35
C LYS A 319 0.07 7.41 2.72
N ALA A 320 -0.54 8.36 3.42
CA ALA A 320 -1.96 8.29 3.74
C ALA A 320 -2.77 8.61 2.51
N THR A 321 -3.05 7.58 1.70
CA THR A 321 -3.75 7.77 0.44
C THR A 321 -5.20 7.31 0.50
N ASN A 322 -5.67 6.99 1.70
CA ASN A 322 -7.09 6.78 1.90
C ASN A 322 -7.54 7.28 3.27
N VAL A 323 -8.85 7.28 3.47
CA VAL A 323 -9.46 7.86 4.66
C VAL A 323 -9.07 7.13 5.94
N GLY A 324 -8.93 5.81 5.85
CA GLY A 324 -8.56 5.04 7.01
C GLY A 324 -7.15 5.37 7.47
N SER A 325 -6.23 5.55 6.53
CA SER A 325 -4.85 5.90 6.87
C SER A 325 -4.77 7.25 7.59
N THR A 326 -5.46 8.26 7.07
CA THR A 326 -5.50 9.57 7.72
C THR A 326 -6.18 9.50 9.10
N GLU A 327 -7.18 8.64 9.25
CA GLU A 327 -7.79 8.43 10.56
C GLU A 327 -6.77 7.91 11.56
N ALA A 328 -5.91 6.99 11.12
CA ALA A 328 -4.87 6.42 11.98
C ALA A 328 -3.85 7.48 12.41
N ALA A 329 -3.67 8.52 11.59
CA ALA A 329 -2.81 9.65 11.98
C ALA A 329 -3.48 10.54 13.03
N LEU A 330 -4.77 10.80 12.84
CA LEU A 330 -5.52 11.80 13.59
C LEU A 330 -6.07 11.22 14.89
N ASN A 331 -6.33 9.93 14.88
CA ASN A 331 -7.01 9.30 15.98
C ASN A 331 -6.07 9.22 17.16
N GLY A 332 -6.37 9.98 18.21
CA GLY A 332 -5.49 10.05 19.38
C GLY A 332 -4.30 10.99 19.24
N LEU A 333 -4.30 11.82 18.20
CA LEU A 333 -3.15 12.68 17.94
C LEU A 333 -3.10 13.80 19.00
N HIS A 334 -1.93 13.96 19.62
CA HIS A 334 -1.77 15.05 20.55
C HIS A 334 -1.09 16.20 19.83
N VAL A 335 -1.71 17.38 19.91
CA VAL A 335 -1.14 18.61 19.34
C VAL A 335 -1.22 19.70 20.41
N ASP A 336 -0.11 20.34 20.72
CA ASP A 336 -0.14 21.38 21.76
C ASP A 336 -0.81 22.69 21.34
N GLY A 337 -0.57 23.12 20.12
CA GLY A 337 -1.28 24.27 19.59
C GLY A 337 -2.32 23.89 18.54
N THR A 338 -2.13 24.39 17.33
CA THR A 338 -3.09 24.19 16.26
C THR A 338 -2.51 23.12 15.32
N LEU A 339 -3.37 22.24 14.84
CA LEU A 339 -3.03 21.31 13.77
C LEU A 339 -3.37 21.97 12.47
N HIS A 340 -2.37 22.09 11.60
CA HIS A 340 -2.59 22.56 10.25
C HIS A 340 -2.56 21.32 9.36
N LEU A 341 -3.75 20.87 9.00
CA LEU A 341 -3.92 19.61 8.28
C LEU A 341 -4.07 19.84 6.78
N LEU A 342 -3.19 19.25 5.99
CA LEU A 342 -3.29 19.32 4.54
C LEU A 342 -3.99 18.08 4.01
N LEU A 343 -5.06 18.30 3.27
CA LEU A 343 -5.82 17.22 2.66
C LEU A 343 -5.88 17.53 1.18
N GLY A 344 -5.87 16.51 0.34
CA GLY A 344 -6.10 16.77 -1.07
C GLY A 344 -5.54 15.77 -2.06
N GLY A 345 -6.07 15.84 -3.28
CA GLY A 345 -5.65 14.95 -4.33
C GLY A 345 -6.85 14.22 -4.90
N ASP A 346 -6.61 13.03 -5.42
CA ASP A 346 -7.65 12.25 -6.04
C ASP A 346 -8.20 11.31 -4.98
N GLY A 347 -9.42 11.60 -4.55
CA GLY A 347 -10.07 10.86 -3.48
C GLY A 347 -10.65 9.52 -3.90
N LYS A 348 -10.59 9.21 -5.19
CA LYS A 348 -11.02 7.90 -5.70
C LYS A 348 -12.47 7.56 -5.30
N SER A 349 -13.32 8.58 -5.24
CA SER A 349 -14.73 8.44 -4.89
C SER A 349 -14.98 8.03 -3.45
N ALA A 350 -14.04 8.29 -2.56
CA ALA A 350 -14.22 7.92 -1.17
C ALA A 350 -15.19 8.87 -0.47
N ASP A 351 -15.84 8.38 0.57
CA ASP A 351 -16.59 9.22 1.47
C ASP A 351 -15.58 9.73 2.49
N PHE A 352 -15.43 11.06 2.56
CA PHE A 352 -14.45 11.67 3.47
C PHE A 352 -15.04 11.96 4.84
N SER A 353 -16.35 11.79 4.97
CA SER A 353 -17.05 12.18 6.19
C SER A 353 -16.61 11.48 7.48
N PRO A 354 -15.97 10.30 7.40
CA PRO A 354 -15.38 9.75 8.63
C PRO A 354 -14.28 10.60 9.28
N LEU A 355 -13.69 11.50 8.52
CA LEU A 355 -12.67 12.41 9.06
C LEU A 355 -13.28 13.56 9.88
N ALA A 356 -14.56 13.83 9.68
CA ALA A 356 -15.21 14.98 10.30
C ALA A 356 -15.12 15.01 11.83
N ARG A 357 -15.18 13.84 12.46
CA ARG A 357 -15.19 13.77 13.92
C ARG A 357 -13.83 14.10 14.54
N TYR A 358 -12.81 14.21 13.70
CA TYR A 358 -11.49 14.56 14.19
C TYR A 358 -11.23 16.05 14.07
N LEU A 359 -12.10 16.77 13.39
CA LEU A 359 -11.76 18.12 12.98
C LEU A 359 -12.51 19.19 13.74
N ASN A 360 -12.99 18.81 14.93
CA ASN A 360 -13.71 19.75 15.78
C ASN A 360 -12.77 20.58 16.66
N GLY A 361 -13.28 21.68 17.18
CA GLY A 361 -12.52 22.45 18.15
C GLY A 361 -11.86 23.67 17.58
N ASP A 362 -11.15 24.41 18.43
CA ASP A 362 -10.57 25.70 18.05
C ASP A 362 -9.14 25.54 17.51
N ASN A 363 -8.65 24.30 17.46
CA ASN A 363 -7.23 24.10 17.25
C ASN A 363 -6.96 23.30 15.99
N VAL A 364 -7.83 23.46 15.01
CA VAL A 364 -7.67 22.75 13.74
C VAL A 364 -7.81 23.70 12.57
N ARG A 365 -6.92 23.58 11.60
CA ARG A 365 -7.06 24.33 10.37
C ARG A 365 -6.84 23.35 9.20
N LEU A 366 -7.75 23.39 8.22
CA LEU A 366 -7.67 22.53 7.03
C LEU A 366 -7.19 23.32 5.85
N TYR A 367 -6.25 22.76 5.10
CA TYR A 367 -5.83 23.33 3.82
C TYR A 367 -5.96 22.25 2.74
N CYS A 368 -6.94 22.44 1.86
CA CYS A 368 -7.43 21.39 0.96
C CYS A 368 -7.09 21.73 -0.47
N PHE A 369 -6.54 20.78 -1.21
CA PHE A 369 -6.04 21.05 -2.55
C PHE A 369 -6.30 19.88 -3.50
N GLY A 370 -5.84 20.03 -4.74
CA GLY A 370 -5.89 18.94 -5.69
C GLY A 370 -7.29 18.78 -6.22
N ARG A 371 -7.53 17.63 -6.82
CA ARG A 371 -8.78 17.34 -7.51
C ARG A 371 -9.99 17.46 -6.59
N ASP A 372 -9.91 16.85 -5.40
CA ASP A 372 -11.05 16.85 -4.51
C ASP A 372 -10.89 17.80 -3.33
N GLY A 373 -10.12 18.87 -3.54
CA GLY A 373 -9.97 19.90 -2.54
C GLY A 373 -11.26 20.49 -1.99
N ALA A 374 -12.24 20.76 -2.86
CA ALA A 374 -13.50 21.36 -2.42
C ALA A 374 -14.34 20.44 -1.53
N GLN A 375 -14.32 19.13 -1.81
CA GLN A 375 -15.09 18.20 -1.00
C GLN A 375 -14.42 17.97 0.33
N LEU A 376 -13.09 18.02 0.35
CA LEU A 376 -12.34 18.01 1.61
C LEU A 376 -12.56 19.25 2.46
N ALA A 377 -12.61 20.43 1.85
CA ALA A 377 -12.82 21.66 2.62
C ALA A 377 -14.23 21.72 3.21
N ALA A 378 -15.18 21.06 2.54
CA ALA A 378 -16.56 21.02 2.99
C ALA A 378 -16.75 20.20 4.25
N LEU A 379 -15.71 19.47 4.64
CA LEU A 379 -15.70 18.72 5.89
C LEU A 379 -15.93 19.63 7.07
N ARG A 380 -15.29 20.80 7.07
CA ARG A 380 -15.64 21.82 8.04
C ARG A 380 -15.29 23.15 7.46
N PRO A 381 -16.26 23.77 6.79
CA PRO A 381 -16.01 24.93 5.93
C PRO A 381 -15.39 26.11 6.68
N GLU A 382 -15.73 26.27 7.95
CA GLU A 382 -15.36 27.49 8.67
C GLU A 382 -13.90 27.51 9.14
N VAL A 383 -13.19 26.42 8.85
CA VAL A 383 -11.85 26.19 9.37
C VAL A 383 -10.94 25.73 8.22
N ALA A 384 -11.49 25.80 7.00
CA ALA A 384 -10.87 25.23 5.81
C ALA A 384 -10.48 26.30 4.80
N GLU A 385 -9.30 26.12 4.19
CA GLU A 385 -8.89 26.87 3.00
C GLU A 385 -8.83 25.86 1.86
N GLN A 386 -9.08 26.31 0.65
CA GLN A 386 -8.88 25.47 -0.52
C GLN A 386 -7.99 26.16 -1.55
N THR A 387 -6.97 25.45 -2.00
CA THR A 387 -6.06 25.97 -3.00
C THR A 387 -6.01 24.96 -4.13
N GLU A 388 -5.33 25.29 -5.20
CA GLU A 388 -5.19 24.35 -6.30
C GLU A 388 -4.10 23.35 -5.98
N THR A 389 -3.00 23.84 -5.40
CA THR A 389 -1.84 22.99 -5.21
C THR A 389 -1.46 22.91 -3.74
N MET A 390 -0.69 21.86 -3.42
CA MET A 390 -0.10 21.71 -2.12
C MET A 390 0.90 22.82 -1.80
N GLU A 391 1.62 23.30 -2.82
CA GLU A 391 2.55 24.39 -2.58
C GLU A 391 1.83 25.69 -2.18
N GLN A 392 0.75 26.01 -2.86
CA GLN A 392 -0.05 27.17 -2.47
C GLN A 392 -0.62 27.05 -1.05
N ALA A 393 -1.04 25.83 -0.68
CA ALA A 393 -1.56 25.54 0.65
C ALA A 393 -0.50 25.74 1.73
N MET A 394 0.73 25.28 1.46
CA MET A 394 1.87 25.38 2.38
C MET A 394 2.29 26.84 2.61
N ARG A 395 2.30 27.62 1.54
CA ARG A 395 2.66 29.03 1.60
C ARG A 395 1.55 29.85 2.24
N LEU A 396 0.33 29.34 2.17
CA LEU A 396 -0.81 29.91 2.86
C LEU A 396 -0.73 29.67 4.37
N LEU A 397 -0.48 28.42 4.76
CA LEU A 397 -0.51 28.06 6.16
C LEU A 397 0.72 28.58 6.91
N ALA A 398 1.87 28.61 6.22
CA ALA A 398 3.17 28.84 6.88
C ALA A 398 3.26 30.13 7.73
N PRO A 399 2.76 31.28 7.23
CA PRO A 399 2.64 32.50 8.05
C PRO A 399 1.87 32.32 9.36
N ARG A 400 0.92 31.39 9.36
CA ARG A 400 0.00 31.24 10.48
C ARG A 400 0.53 30.32 11.57
N VAL A 401 1.64 29.63 11.29
CA VAL A 401 2.14 28.56 12.15
C VAL A 401 2.77 29.20 13.38
N GLN A 402 2.40 28.71 14.57
CA GLN A 402 2.93 29.24 15.83
C GLN A 402 3.62 28.11 16.61
N PRO A 403 4.52 28.43 17.56
CA PRO A 403 5.21 27.38 18.35
C PRO A 403 4.20 26.50 19.13
N GLY A 404 4.38 25.19 19.08
CA GLY A 404 3.36 24.27 19.58
C GLY A 404 2.48 23.65 18.49
N ASP A 405 2.41 24.29 17.32
CA ASP A 405 1.54 23.82 16.25
C ASP A 405 2.11 22.55 15.63
N MET A 406 1.27 21.83 14.90
CA MET A 406 1.72 20.74 14.05
C MET A 406 1.32 21.03 12.61
N VAL A 407 2.20 20.80 11.65
CA VAL A 407 1.77 20.79 10.24
C VAL A 407 1.83 19.35 9.71
N LEU A 408 0.67 18.81 9.35
CA LEU A 408 0.54 17.40 8.97
C LEU A 408 0.02 17.28 7.55
N LEU A 409 0.84 16.69 6.69
CA LEU A 409 0.39 16.24 5.35
C LEU A 409 -0.14 14.83 5.48
N SER A 410 -1.46 14.67 5.57
CA SER A 410 -2.06 13.33 5.63
C SER A 410 -3.27 13.30 4.71
N PRO A 411 -3.03 13.16 3.39
CA PRO A 411 -3.93 13.84 2.46
C PRO A 411 -5.21 13.08 2.18
N ALA A 412 -5.26 11.83 2.66
CA ALA A 412 -6.40 10.94 2.51
C ALA A 412 -6.76 10.58 1.07
N CYS A 413 -5.82 10.78 0.15
CA CYS A 413 -6.14 10.78 -1.29
C CYS A 413 -4.92 10.29 -2.01
N ALA A 414 -5.13 9.76 -3.22
CA ALA A 414 -4.02 9.48 -4.13
C ALA A 414 -3.46 10.78 -4.68
N SER A 415 -2.20 10.76 -5.11
CA SER A 415 -1.50 11.97 -5.53
C SER A 415 -1.46 12.14 -7.04
N LEU A 416 -1.99 11.14 -7.73
CA LEU A 416 -1.78 10.95 -9.18
C LEU A 416 -2.29 12.12 -10.03
N ASP A 417 -3.29 12.82 -9.53
CA ASP A 417 -3.79 14.00 -10.22
C ASP A 417 -2.72 15.07 -10.39
N GLN A 418 -1.81 15.18 -9.43
CA GLN A 418 -0.82 16.27 -9.49
C GLN A 418 0.62 15.85 -9.38
N PHE A 419 0.86 14.64 -8.91
CA PHE A 419 2.22 14.20 -8.63
C PHE A 419 2.50 12.90 -9.33
N LYS A 420 3.78 12.58 -9.42
CA LYS A 420 4.25 11.32 -9.97
C LYS A 420 3.83 10.16 -9.09
N ASN A 421 3.96 10.34 -7.78
CA ASN A 421 3.57 9.33 -6.79
C ASN A 421 3.57 9.98 -5.43
N PHE A 422 3.22 9.23 -4.40
CA PHE A 422 3.09 9.82 -3.07
C PHE A 422 4.44 10.16 -2.52
N GLU A 423 5.49 9.49 -3.02
CA GLU A 423 6.84 9.82 -2.58
C GLU A 423 7.21 11.23 -3.07
N GLN A 424 6.89 11.53 -4.32
CA GLN A 424 7.18 12.84 -4.85
C GLN A 424 6.41 13.89 -4.05
N ARG A 425 5.14 13.61 -3.77
CA ARG A 425 4.33 14.48 -2.95
C ARG A 425 4.97 14.73 -1.56
N GLY A 426 5.41 13.66 -0.90
CA GLY A 426 6.12 13.77 0.38
C GLY A 426 7.45 14.49 0.33
N ASN A 427 8.18 14.34 -0.77
CA ASN A 427 9.44 15.05 -0.95
C ASN A 427 9.26 16.54 -1.16
N GLU A 428 8.27 16.91 -1.96
CA GLU A 428 7.96 18.31 -2.17
C GLU A 428 7.49 19.02 -0.92
N PHE A 429 6.65 18.34 -0.12
CA PHE A 429 6.28 18.83 1.19
C PHE A 429 7.52 19.07 2.09
N ALA A 430 8.42 18.09 2.12
CA ALA A 430 9.59 18.17 2.97
C ALA A 430 10.50 19.33 2.60
N ARG A 431 10.64 19.59 1.29
CA ARG A 431 11.43 20.73 0.82
C ARG A 431 10.76 22.05 1.20
N LEU A 432 9.45 22.12 1.03
CA LEU A 432 8.73 23.32 1.42
C LEU A 432 8.71 23.56 2.94
N ALA A 433 8.55 22.50 3.74
CA ALA A 433 8.65 22.56 5.19
C ALA A 433 9.99 23.15 5.60
N LYS A 434 11.06 22.63 5.02
CA LYS A 434 12.38 23.12 5.36
C LYS A 434 12.57 24.56 4.93
N GLU A 435 11.95 24.92 3.80
CA GLU A 435 11.93 26.31 3.36
C GLU A 435 11.17 27.24 4.29
N LEU A 436 9.96 26.82 4.67
CA LEU A 436 9.02 27.72 5.32
C LEU A 436 9.01 27.59 6.83
N GLY A 437 9.69 26.58 7.36
CA GLY A 437 9.64 26.28 8.78
C GLY A 437 10.87 26.69 9.57
S SO4 B . 1.58 1.41 5.52
O1 SO4 B . 1.36 0.72 4.28
O2 SO4 B . 2.44 2.40 5.22
O3 SO4 B . 2.27 0.63 6.40
O4 SO4 B . 0.32 1.94 6.06
S SO4 C . -1.12 -12.25 -34.75
O1 SO4 C . -1.84 -13.50 -34.59
O2 SO4 C . -0.07 -12.59 -35.66
O3 SO4 C . -0.57 -11.80 -33.50
O4 SO4 C . -2.01 -11.23 -35.22
N1 UMA D . -2.72 3.07 -16.18
C2 UMA D . -3.54 3.49 -17.23
N3 UMA D . -3.74 2.56 -18.23
C4 UMA D . -3.01 1.38 -18.38
C5 UMA D . -2.21 1.00 -17.24
C6 UMA D . -2.10 1.84 -16.20
O2 UMA D . -4.12 4.58 -17.24
O4 UMA D . -2.97 0.80 -19.46
C1B UMA D . -2.61 3.98 -15.00
C2B UMA D . -3.24 3.31 -13.81
O2' UMA D . -4.71 3.49 -13.70
C3B UMA D . -2.59 3.83 -12.60
C4B UMA D . -1.19 4.01 -13.15
O4B UMA D . -1.27 3.97 -14.56
O3B UMA D . -3.31 5.07 -12.40
C5B UMA D . -0.20 3.01 -12.73
O5B UMA D . -0.58 1.74 -13.10
PA UMA D . 0.48 0.59 -13.38
O1A UMA D . -0.29 -0.67 -13.32
O2A UMA D . 1.22 0.86 -14.56
O3A UMA D . 1.39 0.73 -12.06
PB UMA D . 2.95 0.44 -11.81
O1B UMA D . 3.81 1.59 -12.06
O2B UMA D . 3.34 -0.86 -12.32
O1' UMA D . 2.79 0.17 -10.20
C1' UMA D . 2.12 -0.93 -9.61
C2' UMA D . 1.38 -0.47 -8.39
N2' UMA D . 0.37 0.54 -8.72
C7' UMA D . -0.92 0.22 -8.86
O7' UMA D . -1.34 -0.86 -8.47
C8' UMA D . -1.89 1.25 -9.38
C3' UMA D . 2.40 0.09 -7.44
O3' UMA D . 1.75 0.47 -6.21
C4' UMA D . 3.44 -0.98 -7.10
O4' UMA D . 4.38 -0.50 -6.17
C5' UMA D . 4.13 -1.46 -8.36
O5' UMA D . 3.12 -1.91 -9.30
C6' UMA D . 4.98 -2.66 -8.08
O6' UMA D . 4.13 -3.74 -7.68
C18 UMA D . 1.43 1.80 -5.77
C19 UMA D . -0.02 2.05 -5.53
O18 UMA D . -0.48 3.18 -5.63
C20 UMA D . 2.55 2.43 -4.94
N4 UMA D . -0.77 0.98 -5.34
C21 UMA D . -2.14 1.02 -4.86
C22 UMA D . -2.28 1.08 -3.31
O19 UMA D . -1.29 0.72 -2.62
O20 UMA D . -3.38 1.42 -2.82
C23 UMA D . -2.94 -0.17 -5.40
#